data_4H6V
#
_entry.id   4H6V
#
_cell.length_a   83.717
_cell.length_b   83.717
_cell.length_c   42.270
_cell.angle_alpha   90.000
_cell.angle_beta   90.000
_cell.angle_gamma   90.000
#
_symmetry.space_group_name_H-M   'P 41'
#
loop_
_entity.id
_entity.type
_entity.pdbx_description
1 polymer 'Subtilisin-like protein'
2 water water
#
_entity_poly.entity_id   1
_entity_poly.type   'polypeptide(L)'
_entity_poly.pdbx_seq_one_letter_code
;GSHMNRDILRTLSLKGDHNIRVAILDGPVDIAHPCFQGADLTVLPTLAPTAARSDGFMSAHGTHVASIIFGQPETSVPGI
APQCRGLIVPIFSDDRRRITQLDLARGIERAVNAGAHIINISGGELTDFGEADGWLENAVSLCRQNNVLLVAAAGNNGCD
CLHVPAALPAVLAVGAMDDHGHPLDFSNWGSTYEQQGILAPGEDILGAKPGGGTERLSGTSFATPIVSGVAALLLSEQVR
RGETPDPQKVRQLLLQSALPCDDDAPEQARRCLAGRLNVSGAFTLLKGGNMSEELATASFPSVEAS
;
_entity_poly.pdbx_strand_id   A
#
# COMPACT_ATOMS: atom_id res chain seq x y z
N LEU A 14 5.99 -8.43 14.08
CA LEU A 14 7.06 -8.12 15.06
C LEU A 14 7.57 -6.68 14.81
N LYS A 15 8.89 -6.53 14.67
CA LYS A 15 9.53 -5.26 14.38
C LYS A 15 9.97 -5.15 12.93
N GLY A 16 10.01 -3.91 12.43
CA GLY A 16 10.63 -3.60 11.15
C GLY A 16 12.15 -3.50 11.28
N ASP A 17 12.78 -2.88 10.29
CA ASP A 17 14.24 -2.85 10.16
C ASP A 17 14.61 -1.62 9.33
N HIS A 18 15.60 -0.85 9.79
CA HIS A 18 15.97 0.41 9.14
C HIS A 18 16.64 0.24 7.77
N ASN A 19 17.00 -0.98 7.42
CA ASN A 19 17.51 -1.26 6.08
C ASN A 19 16.41 -1.59 5.08
N ILE A 20 15.19 -1.78 5.59
CA ILE A 20 14.03 -2.06 4.73
C ILE A 20 13.34 -0.74 4.44
N ARG A 21 13.21 -0.40 3.17
CA ARG A 21 12.79 0.93 2.75
C ARG A 21 11.40 0.90 2.12
N VAL A 22 10.49 1.68 2.71
CA VAL A 22 9.12 1.79 2.24
C VAL A 22 8.84 3.21 1.78
N ALA A 23 8.48 3.35 0.51
CA ALA A 23 8.24 4.66 -0.08
C ALA A 23 6.75 4.98 -0.05
N ILE A 24 6.42 6.21 0.35
CA ILE A 24 5.04 6.69 0.28
C ILE A 24 4.96 7.67 -0.87
N LEU A 25 4.21 7.32 -1.90
CA LEU A 25 4.02 8.20 -3.05
C LEU A 25 2.63 8.82 -2.94
N ASP A 26 2.58 10.12 -2.69
CA ASP A 26 1.33 10.78 -2.36
C ASP A 26 1.44 12.29 -2.44
N GLY A 27 0.36 12.96 -2.06
CA GLY A 27 0.37 14.40 -1.81
C GLY A 27 1.17 14.76 -0.57
N PRO A 28 1.00 15.99 -0.08
CA PRO A 28 1.70 16.51 1.09
C PRO A 28 1.62 15.58 2.29
N VAL A 29 2.74 15.45 3.02
CA VAL A 29 2.80 14.68 4.28
C VAL A 29 3.33 15.62 5.37
N ASP A 30 2.60 15.74 6.47
CA ASP A 30 2.99 16.58 7.61
C ASP A 30 3.99 15.81 8.50
N ILE A 31 5.27 15.83 8.11
CA ILE A 31 6.35 15.13 8.84
C ILE A 31 6.58 15.67 10.25
N ALA A 32 6.07 16.87 10.53
CA ALA A 32 6.16 17.47 11.86
C ALA A 32 5.11 16.95 12.84
N HIS A 33 4.16 16.14 12.36
CA HIS A 33 3.17 15.55 13.24
C HIS A 33 3.88 14.75 14.34
N PRO A 34 3.46 14.91 15.61
CA PRO A 34 4.17 14.26 16.72
C PRO A 34 4.28 12.74 16.62
N CYS A 35 3.40 12.10 15.85
CA CYS A 35 3.49 10.63 15.74
C CYS A 35 4.76 10.20 14.98
N PHE A 36 5.35 11.13 14.25
CA PHE A 36 6.56 10.82 13.49
C PHE A 36 7.84 11.12 14.26
N GLN A 37 7.70 11.56 15.52
CA GLN A 37 8.90 11.82 16.33
C GLN A 37 9.64 10.53 16.66
N GLY A 38 10.80 10.31 16.02
CA GLY A 38 11.51 9.05 16.14
C GLY A 38 11.41 8.16 14.91
N ALA A 39 10.48 8.49 14.02
CA ALA A 39 10.41 7.84 12.72
C ALA A 39 11.66 8.14 11.88
N ASP A 40 11.98 7.21 11.00
CA ASP A 40 13.15 7.32 10.12
C ASP A 40 12.60 7.72 8.76
N LEU A 41 12.52 9.03 8.51
CA LEU A 41 11.87 9.57 7.30
C LEU A 41 12.80 10.44 6.46
N THR A 42 12.87 10.12 5.17
CA THR A 42 13.59 10.93 4.21
C THR A 42 12.56 11.51 3.27
N VAL A 43 12.55 12.84 3.16
CA VAL A 43 11.66 13.51 2.24
C VAL A 43 12.43 13.89 0.97
N LEU A 44 11.98 13.34 -0.15
CA LEU A 44 12.53 13.73 -1.44
C LEU A 44 11.95 15.09 -1.82
N PRO A 45 12.80 15.95 -2.44
CA PRO A 45 12.33 17.30 -2.77
C PRO A 45 11.26 17.30 -3.87
N THR A 46 10.36 18.27 -3.80
CA THR A 46 9.37 18.49 -4.85
C THR A 46 10.12 19.03 -6.08
N LEU A 47 9.86 18.43 -7.24
CA LEU A 47 10.56 18.80 -8.48
C LEU A 47 9.80 19.82 -9.34
N ALA A 48 10.51 20.42 -10.29
CA ALA A 48 9.98 21.51 -11.12
C ALA A 48 8.94 21.04 -12.14
N SER A 54 -13.91 10.93 -7.20
CA SER A 54 -13.97 9.48 -7.05
C SER A 54 -12.59 8.85 -7.20
N ASP A 55 -11.62 9.66 -7.66
CA ASP A 55 -10.25 9.19 -7.86
C ASP A 55 -9.19 10.28 -8.14
N GLY A 56 -7.93 9.86 -8.01
CA GLY A 56 -6.76 10.65 -8.36
C GLY A 56 -5.60 9.86 -7.78
N PHE A 57 -4.40 10.02 -8.34
CA PHE A 57 -3.24 9.26 -7.86
C PHE A 57 -2.78 9.69 -6.45
N MET A 58 -3.08 10.94 -6.09
CA MET A 58 -2.88 11.38 -4.70
C MET A 58 -4.07 10.93 -3.88
N SER A 59 -3.80 10.34 -2.71
CA SER A 59 -4.87 9.88 -1.82
C SER A 59 -5.64 11.00 -1.13
N ALA A 60 -5.06 12.21 -1.10
CA ALA A 60 -5.57 13.35 -0.31
C ALA A 60 -5.32 13.19 1.21
N HIS A 61 -4.61 12.12 1.58
CA HIS A 61 -4.42 11.78 3.00
C HIS A 61 -2.99 11.30 3.30
N GLY A 62 -2.01 12.01 2.78
CA GLY A 62 -0.61 11.58 2.87
C GLY A 62 -0.11 11.43 4.30
N THR A 63 -0.46 12.38 5.16
CA THR A 63 -0.07 12.29 6.57
C THR A 63 -0.66 11.03 7.21
N HIS A 64 -1.95 10.80 6.97
CA HIS A 64 -2.65 9.67 7.56
C HIS A 64 -2.05 8.34 7.08
N VAL A 65 -1.86 8.23 5.77
CA VAL A 65 -1.30 7.04 5.14
C VAL A 65 0.09 6.74 5.71
N ALA A 66 0.95 7.75 5.74
CA ALA A 66 2.29 7.57 6.26
C ALA A 66 2.25 7.12 7.71
N SER A 67 1.31 7.68 8.49
CA SER A 67 1.26 7.37 9.94
C SER A 67 0.88 5.92 10.21
N ILE A 68 0.11 5.34 9.29
CA ILE A 68 -0.28 3.94 9.45
C ILE A 68 0.94 3.01 9.50
N ILE A 69 1.98 3.37 8.75
CA ILE A 69 3.19 2.56 8.71
C ILE A 69 4.21 3.04 9.76
N PHE A 70 4.44 4.35 9.80
CA PHE A 70 5.61 4.92 10.53
C PHE A 70 5.29 5.61 11.84
N GLY A 71 4.02 5.68 12.22
CA GLY A 71 3.70 6.24 13.54
C GLY A 71 4.46 5.49 14.64
N GLN A 72 4.98 6.24 15.62
CA GLN A 72 5.87 5.64 16.61
C GLN A 72 5.10 5.06 17.80
N PRO A 73 5.63 3.98 18.42
CA PRO A 73 4.89 3.14 19.38
C PRO A 73 4.17 3.84 20.55
N GLU A 74 4.73 4.92 21.08
CA GLU A 74 4.09 5.55 22.25
C GLU A 74 3.33 6.83 21.91
N THR A 75 3.10 7.05 20.61
CA THR A 75 2.46 8.25 20.15
C THR A 75 0.97 8.01 19.88
N SER A 76 0.32 9.04 19.34
CA SER A 76 -1.11 8.98 19.04
C SER A 76 -1.46 8.00 17.90
N VAL A 77 -0.47 7.61 17.10
CA VAL A 77 -0.70 6.63 16.03
C VAL A 77 0.38 5.55 16.05
N PRO A 78 0.10 4.40 16.67
CA PRO A 78 1.11 3.34 16.62
C PRO A 78 1.14 2.66 15.24
N GLY A 79 2.23 2.88 14.52
CA GLY A 79 2.37 2.33 13.17
C GLY A 79 2.67 0.85 13.14
N ILE A 80 2.51 0.26 11.97
CA ILE A 80 2.76 -1.16 11.75
C ILE A 80 4.27 -1.48 11.71
N ALA A 81 5.04 -0.63 11.04
CA ALA A 81 6.49 -0.86 10.89
C ALA A 81 7.33 0.38 11.24
N PRO A 82 7.28 0.79 12.53
CA PRO A 82 7.90 2.06 12.90
C PRO A 82 9.43 2.07 12.85
N GLN A 83 10.04 0.89 12.75
CA GLN A 83 11.51 0.77 12.64
C GLN A 83 12.02 0.73 11.18
N CYS A 84 11.10 0.72 10.23
CA CYS A 84 11.50 0.72 8.83
C CYS A 84 11.91 2.13 8.39
N ARG A 85 12.66 2.20 7.30
CA ARG A 85 13.08 3.48 6.74
C ARG A 85 11.99 3.95 5.77
N GLY A 86 11.50 5.16 5.98
CA GLY A 86 10.48 5.74 5.10
C GLY A 86 11.04 6.70 4.09
N LEU A 87 10.57 6.58 2.84
CA LEU A 87 10.93 7.54 1.80
C LEU A 87 9.65 8.26 1.38
N ILE A 88 9.57 9.54 1.68
CA ILE A 88 8.40 10.32 1.34
C ILE A 88 8.67 10.92 -0.03
N VAL A 89 7.89 10.47 -1.02
CA VAL A 89 8.08 10.89 -2.41
C VAL A 89 6.87 11.70 -2.89
N PRO A 90 7.07 13.00 -3.14
CA PRO A 90 5.96 13.81 -3.64
C PRO A 90 5.66 13.47 -5.09
N ILE A 91 4.40 13.30 -5.42
CA ILE A 91 3.99 13.02 -6.80
C ILE A 91 3.48 14.31 -7.48
N PHE A 92 3.65 15.43 -6.79
CA PHE A 92 3.15 16.72 -7.25
C PHE A 92 4.25 17.78 -7.30
N SER A 93 3.97 18.86 -8.04
CA SER A 93 4.77 20.08 -7.99
C SER A 93 3.94 21.16 -7.31
N ASP A 94 2.67 21.22 -7.67
CA ASP A 94 1.67 22.08 -7.02
C ASP A 94 0.58 21.13 -6.55
N ASP A 95 0.32 21.11 -5.24
CA ASP A 95 -0.63 20.15 -4.66
C ASP A 95 -2.09 20.37 -5.07
N ARG A 96 -2.36 21.50 -5.73
CA ARG A 96 -3.70 21.81 -6.22
C ARG A 96 -3.93 21.28 -7.63
N ARG A 97 -2.83 21.02 -8.33
CA ARG A 97 -2.85 20.56 -9.72
C ARG A 97 -3.13 19.07 -9.83
N ARG A 98 -3.90 18.69 -10.86
CA ARG A 98 -4.17 17.30 -11.23
C ARG A 98 -2.86 16.54 -11.44
N ILE A 99 -2.78 15.35 -10.85
CA ILE A 99 -1.59 14.51 -10.99
C ILE A 99 -1.73 13.58 -12.20
N THR A 100 -0.75 13.62 -13.09
CA THR A 100 -0.75 12.82 -14.32
C THR A 100 -0.01 11.49 -14.15
N GLN A 101 -0.19 10.59 -15.12
CA GLN A 101 0.52 9.32 -15.10
C GLN A 101 2.04 9.49 -15.18
N LEU A 102 2.49 10.53 -15.88
CA LEU A 102 3.93 10.84 -15.95
C LEU A 102 4.45 11.34 -14.61
N ASP A 103 3.65 12.15 -13.90
CA ASP A 103 3.98 12.58 -12.54
C ASP A 103 4.17 11.33 -11.66
N LEU A 104 3.24 10.39 -11.73
CA LEU A 104 3.32 9.14 -10.96
C LEU A 104 4.51 8.27 -11.37
N ALA A 105 4.70 8.12 -12.68
CA ALA A 105 5.79 7.32 -13.22
C ALA A 105 7.14 7.84 -12.74
N ARG A 106 7.31 9.16 -12.77
CA ARG A 106 8.54 9.81 -12.26
C ARG A 106 8.75 9.51 -10.77
N GLY A 107 7.66 9.50 -10.01
CA GLY A 107 7.71 9.27 -8.56
C GLY A 107 8.15 7.86 -8.25
N ILE A 108 7.61 6.91 -9.00
CA ILE A 108 7.98 5.50 -8.90
C ILE A 108 9.47 5.33 -9.20
N GLU A 109 9.92 5.93 -10.30
CA GLU A 109 11.33 5.90 -10.70
C GLU A 109 12.25 6.45 -9.62
N ARG A 110 11.90 7.62 -9.10
CA ARG A 110 12.63 8.25 -7.99
C ARG A 110 12.73 7.32 -6.77
N ALA A 111 11.61 6.69 -6.42
CA ALA A 111 11.59 5.74 -5.30
C ALA A 111 12.48 4.51 -5.53
N VAL A 112 12.41 3.94 -6.73
CA VAL A 112 13.26 2.80 -7.09
C VAL A 112 14.74 3.18 -6.93
N ASN A 113 15.10 4.34 -7.51
CA ASN A 113 16.47 4.85 -7.45
C ASN A 113 16.94 5.23 -6.03
N ALA A 114 15.98 5.51 -5.15
CA ALA A 114 16.30 5.81 -3.74
C ALA A 114 16.39 4.54 -2.87
N GLY A 115 16.28 3.37 -3.50
CA GLY A 115 16.46 2.09 -2.82
C GLY A 115 15.22 1.49 -2.16
N ALA A 116 14.04 1.91 -2.60
CA ALA A 116 12.78 1.38 -2.05
C ALA A 116 12.65 -0.14 -2.24
N HIS A 117 12.20 -0.84 -1.21
CA HIS A 117 11.81 -2.24 -1.33
C HIS A 117 10.32 -2.35 -1.67
N ILE A 118 9.57 -1.42 -1.11
CA ILE A 118 8.11 -1.38 -1.24
C ILE A 118 7.73 0.05 -1.63
N ILE A 119 6.76 0.18 -2.53
CA ILE A 119 6.23 1.48 -2.91
C ILE A 119 4.73 1.49 -2.68
N ASN A 120 4.30 2.38 -1.79
CA ASN A 120 2.89 2.49 -1.43
C ASN A 120 2.21 3.60 -2.23
N ILE A 121 1.19 3.22 -3.00
CA ILE A 121 0.38 4.20 -3.73
C ILE A 121 -1.08 4.06 -3.30
N SER A 122 -1.54 4.99 -2.47
CA SER A 122 -2.87 4.90 -1.88
C SER A 122 -3.94 5.49 -2.78
N GLY A 123 -3.54 6.01 -3.94
CA GLY A 123 -4.48 6.54 -4.92
C GLY A 123 -4.58 5.68 -6.17
N GLY A 124 -5.34 6.16 -7.15
CA GLY A 124 -5.45 5.46 -8.44
C GLY A 124 -6.53 6.14 -9.26
N GLU A 125 -6.63 5.73 -10.52
CA GLU A 125 -7.67 6.23 -11.41
C GLU A 125 -8.46 5.07 -12.00
N LEU A 126 -9.78 5.25 -12.07
CA LEU A 126 -10.68 4.25 -12.63
C LEU A 126 -10.44 4.12 -14.13
N THR A 127 -10.36 2.88 -14.60
CA THR A 127 -9.99 2.56 -15.98
C THR A 127 -11.07 1.66 -16.58
N ASP A 128 -10.90 1.28 -17.85
CA ASP A 128 -11.82 0.33 -18.49
C ASP A 128 -11.47 -1.10 -18.07
N PHE A 129 -10.24 -1.52 -18.39
CA PHE A 129 -9.78 -2.87 -18.06
C PHE A 129 -8.30 -2.91 -17.63
N GLY A 130 -7.85 -1.84 -16.98
CA GLY A 130 -6.49 -1.80 -16.46
C GLY A 130 -5.45 -1.23 -17.39
N GLU A 131 -5.90 -0.49 -18.41
CA GLU A 131 -4.99 0.13 -19.36
C GLU A 131 -4.22 1.29 -18.73
N ALA A 132 -3.01 1.54 -19.22
CA ALA A 132 -2.15 2.61 -18.71
C ALA A 132 -1.27 3.21 -19.81
N ASP A 133 -0.89 4.47 -19.64
CA ASP A 133 0.08 5.14 -20.51
C ASP A 133 1.45 4.48 -20.43
N GLY A 134 2.20 4.54 -21.53
CA GLY A 134 3.51 3.93 -21.62
C GLY A 134 4.46 4.23 -20.47
N TRP A 135 4.55 5.51 -20.09
CA TRP A 135 5.43 5.96 -19.00
C TRP A 135 5.16 5.22 -17.70
N LEU A 136 3.88 4.99 -17.39
CA LEU A 136 3.49 4.29 -16.18
C LEU A 136 3.73 2.78 -16.28
N GLU A 137 3.40 2.19 -17.43
CA GLU A 137 3.71 0.79 -17.71
C GLU A 137 5.20 0.53 -17.47
N ASN A 138 6.03 1.43 -18.01
CA ASN A 138 7.49 1.31 -17.93
C ASN A 138 7.99 1.41 -16.49
N ALA A 139 7.42 2.34 -15.73
CA ALA A 139 7.78 2.53 -14.30
C ALA A 139 7.45 1.30 -13.47
N VAL A 140 6.29 0.71 -13.73
CA VAL A 140 5.87 -0.52 -13.07
C VAL A 140 6.76 -1.68 -13.51
N SER A 141 7.11 -1.71 -14.79
CA SER A 141 8.04 -2.72 -15.30
C SER A 141 9.39 -2.62 -14.60
N LEU A 142 9.89 -1.39 -14.44
CA LEU A 142 11.10 -1.13 -13.66
C LEU A 142 11.06 -1.74 -12.25
N CYS A 143 9.94 -1.59 -11.55
CA CYS A 143 9.79 -2.21 -10.21
C CYS A 143 9.95 -3.72 -10.30
N ARG A 144 9.35 -4.30 -11.33
CA ARG A 144 9.43 -5.72 -11.53
C ARG A 144 10.87 -6.15 -11.80
N GLN A 145 11.56 -5.40 -12.67
CA GLN A 145 12.95 -5.68 -13.05
C GLN A 145 13.88 -5.61 -11.85
N ASN A 146 13.55 -4.75 -10.89
CA ASN A 146 14.42 -4.49 -9.75
C ASN A 146 13.94 -5.10 -8.43
N ASN A 147 12.95 -5.99 -8.50
CA ASN A 147 12.39 -6.66 -7.33
C ASN A 147 11.92 -5.64 -6.30
N VAL A 148 11.10 -4.70 -6.75
CA VAL A 148 10.48 -3.71 -5.88
C VAL A 148 8.98 -4.00 -5.89
N LEU A 149 8.38 -4.08 -4.71
CA LEU A 149 6.96 -4.34 -4.60
C LEU A 149 6.11 -3.06 -4.60
N LEU A 150 5.28 -2.92 -5.62
CA LEU A 150 4.30 -1.84 -5.64
C LEU A 150 2.99 -2.32 -5.01
N VAL A 151 2.49 -1.56 -4.04
CA VAL A 151 1.23 -1.89 -3.34
C VAL A 151 0.29 -0.71 -3.57
N ALA A 152 -0.88 -0.97 -4.14
CA ALA A 152 -1.76 0.09 -4.62
C ALA A 152 -3.24 -0.14 -4.30
N ALA A 153 -3.95 0.94 -3.99
CA ALA A 153 -5.37 0.90 -3.63
C ALA A 153 -6.28 0.42 -4.76
N ALA A 154 -7.18 -0.49 -4.44
CA ALA A 154 -8.15 -1.03 -5.43
C ALA A 154 -9.15 0.03 -5.95
N GLY A 155 -9.44 1.07 -5.15
CA GLY A 155 -10.44 2.08 -5.53
C GLY A 155 -11.78 1.83 -4.85
N ASN A 156 -12.59 2.90 -4.75
CA ASN A 156 -13.80 2.90 -3.92
C ASN A 156 -15.08 3.13 -4.73
N ASN A 157 -15.10 2.63 -5.96
CA ASN A 157 -16.24 2.85 -6.86
C ASN A 157 -17.38 1.85 -6.68
N GLY A 158 -17.13 0.82 -5.89
CA GLY A 158 -18.13 -0.18 -5.52
C GLY A 158 -18.62 -1.04 -6.67
N CYS A 159 -17.75 -1.31 -7.62
CA CYS A 159 -18.15 -2.01 -8.85
C CYS A 159 -17.13 -3.04 -9.34
N ASP A 160 -17.54 -3.81 -10.36
CA ASP A 160 -16.68 -4.72 -11.09
C ASP A 160 -15.70 -3.86 -11.90
N CYS A 161 -14.76 -3.24 -11.20
CA CYS A 161 -14.00 -2.12 -11.74
C CYS A 161 -12.53 -2.21 -11.37
N LEU A 162 -11.69 -1.60 -12.20
CA LEU A 162 -10.23 -1.64 -12.03
C LEU A 162 -9.59 -0.25 -12.02
N HIS A 163 -8.77 0.02 -11.00
CA HIS A 163 -7.95 1.23 -10.96
C HIS A 163 -6.57 0.89 -11.49
N VAL A 164 -5.89 1.89 -12.08
CA VAL A 164 -4.70 1.71 -12.91
C VAL A 164 -3.41 1.25 -12.24
N PRO A 165 -2.87 2.01 -11.26
CA PRO A 165 -1.67 1.38 -10.74
C PRO A 165 -2.01 -0.04 -10.27
N ALA A 166 -3.10 -0.17 -9.52
CA ALA A 166 -3.48 -1.41 -8.85
C ALA A 166 -3.59 -2.63 -9.77
N ALA A 167 -4.08 -2.43 -10.99
CA ALA A 167 -4.34 -3.56 -11.89
C ALA A 167 -3.14 -3.95 -12.76
N LEU A 168 -2.01 -3.26 -12.61
CA LEU A 168 -0.86 -3.52 -13.49
C LEU A 168 -0.07 -4.78 -13.08
N PRO A 169 0.75 -5.34 -14.01
CA PRO A 169 1.42 -6.60 -13.70
C PRO A 169 2.34 -6.55 -12.47
N ALA A 170 2.26 -7.59 -11.65
CA ALA A 170 3.09 -7.77 -10.45
C ALA A 170 2.78 -6.77 -9.32
N VAL A 171 1.79 -5.91 -9.52
CA VAL A 171 1.31 -5.02 -8.45
C VAL A 171 0.43 -5.79 -7.47
N LEU A 172 0.54 -5.46 -6.18
CA LEU A 172 -0.37 -6.01 -5.19
C LEU A 172 -1.49 -5.01 -4.95
N ALA A 173 -2.68 -5.32 -5.47
CA ALA A 173 -3.86 -4.47 -5.32
C ALA A 173 -4.48 -4.73 -3.97
N VAL A 174 -4.96 -3.66 -3.31
CA VAL A 174 -5.49 -3.80 -1.95
C VAL A 174 -6.92 -3.25 -1.87
N GLY A 175 -7.85 -4.14 -1.55
CA GLY A 175 -9.24 -3.77 -1.30
C GLY A 175 -9.48 -3.61 0.20
N ALA A 176 -10.68 -3.17 0.55
CA ALA A 176 -11.03 -2.85 1.92
C ALA A 176 -12.08 -3.80 2.48
N MET A 177 -11.80 -4.38 3.64
CA MET A 177 -12.77 -5.19 4.38
C MET A 177 -13.08 -4.53 5.73
N ASP A 178 -14.23 -4.87 6.29
CA ASP A 178 -14.62 -4.30 7.59
C ASP A 178 -13.98 -5.03 8.78
N ASP A 179 -14.28 -4.55 9.98
CA ASP A 179 -13.79 -5.15 11.23
C ASP A 179 -14.13 -6.63 11.41
N HIS A 180 -15.22 -7.07 10.77
CA HIS A 180 -15.65 -8.47 10.90
C HIS A 180 -15.20 -9.37 9.76
N GLY A 181 -14.33 -8.85 8.89
CA GLY A 181 -13.72 -9.65 7.81
C GLY A 181 -14.52 -9.73 6.53
N HIS A 182 -15.48 -8.83 6.37
CA HIS A 182 -16.32 -8.82 5.17
C HIS A 182 -15.94 -7.66 4.26
N PRO A 183 -15.90 -7.93 2.94
CA PRO A 183 -15.59 -6.86 1.99
C PRO A 183 -16.55 -5.70 2.14
N LEU A 184 -16.00 -4.49 2.13
CA LEU A 184 -16.83 -3.28 2.17
C LEU A 184 -17.44 -3.05 0.79
N ASP A 185 -18.72 -2.65 0.77
CA ASP A 185 -19.47 -2.47 -0.47
C ASP A 185 -18.77 -1.55 -1.48
N PHE A 186 -18.06 -0.55 -0.99
CA PHE A 186 -17.42 0.42 -1.89
C PHE A 186 -16.15 -0.10 -2.58
N SER A 187 -15.57 -1.19 -2.07
CA SER A 187 -14.26 -1.65 -2.54
C SER A 187 -14.40 -2.33 -3.92
N ASN A 188 -13.63 -1.87 -4.89
CA ASN A 188 -13.68 -2.40 -6.27
C ASN A 188 -13.28 -3.86 -6.38
N TRP A 189 -13.97 -4.59 -7.26
CA TRP A 189 -13.77 -6.04 -7.37
C TRP A 189 -13.56 -6.53 -8.81
N GLY A 190 -12.93 -5.71 -9.64
CA GLY A 190 -12.58 -6.09 -11.03
C GLY A 190 -11.80 -7.40 -11.14
N SER A 191 -11.94 -8.09 -12.26
CA SER A 191 -11.43 -9.46 -12.38
C SER A 191 -9.94 -9.66 -12.12
N THR A 192 -9.10 -8.71 -12.55
CA THR A 192 -7.64 -8.79 -12.32
C THR A 192 -7.30 -8.89 -10.82
N TYR A 193 -8.12 -8.24 -9.99
CA TYR A 193 -7.97 -8.32 -8.52
C TYR A 193 -8.20 -9.72 -7.93
N GLU A 194 -8.98 -10.55 -8.61
CA GLU A 194 -9.18 -11.92 -8.15
C GLU A 194 -7.83 -12.65 -8.08
N GLN A 195 -6.92 -12.23 -8.96
CA GLN A 195 -5.58 -12.79 -9.12
C GLN A 195 -4.53 -12.12 -8.22
N GLN A 196 -4.53 -10.79 -8.18
CA GLN A 196 -3.45 -10.03 -7.54
C GLN A 196 -3.92 -9.05 -6.45
N GLY A 197 -5.18 -9.16 -6.06
CA GLY A 197 -5.75 -8.30 -5.01
C GLY A 197 -5.99 -9.04 -3.71
N ILE A 198 -5.75 -8.35 -2.58
CA ILE A 198 -6.14 -8.88 -1.27
C ILE A 198 -6.94 -7.84 -0.48
N LEU A 199 -7.80 -8.33 0.39
CA LEU A 199 -8.59 -7.46 1.27
C LEU A 199 -7.82 -7.19 2.56
N ALA A 200 -7.75 -5.92 2.94
CA ALA A 200 -7.15 -5.56 4.23
C ALA A 200 -8.11 -4.65 4.99
N PRO A 201 -7.91 -4.51 6.31
CA PRO A 201 -8.82 -3.63 7.05
C PRO A 201 -8.90 -2.23 6.45
N GLY A 202 -10.11 -1.78 6.22
CA GLY A 202 -10.34 -0.52 5.52
C GLY A 202 -11.47 0.30 6.12
N GLU A 203 -11.98 -0.14 7.27
CA GLU A 203 -13.04 0.58 7.98
C GLU A 203 -12.45 1.28 9.21
N ASP A 204 -12.61 2.60 9.26
CA ASP A 204 -12.26 3.40 10.46
C ASP A 204 -10.83 3.10 10.91
N ILE A 205 -9.89 3.33 10.01
CA ILE A 205 -8.47 3.07 10.27
C ILE A 205 -7.82 4.32 10.87
N LEU A 206 -7.17 4.16 12.01
CA LEU A 206 -6.57 5.29 12.74
C LEU A 206 -5.35 5.86 12.02
N GLY A 207 -5.26 7.18 11.97
CA GLY A 207 -4.11 7.86 11.42
C GLY A 207 -4.03 9.33 11.77
N ALA A 208 -2.89 9.92 11.46
CA ALA A 208 -2.62 11.30 11.85
C ALA A 208 -3.37 12.31 10.96
N LYS A 209 -3.82 13.41 11.57
CA LYS A 209 -4.35 14.54 10.81
C LYS A 209 -3.28 15.62 10.59
N PRO A 210 -3.20 16.19 9.38
CA PRO A 210 -2.31 17.33 9.17
C PRO A 210 -2.69 18.48 10.08
N GLY A 211 -1.72 19.05 10.77
CA GLY A 211 -1.99 20.14 11.71
C GLY A 211 -2.18 19.64 13.14
N GLY A 212 -2.11 18.32 13.32
CA GLY A 212 -2.18 17.71 14.64
C GLY A 212 -3.46 16.92 14.91
N GLY A 213 -3.36 15.98 15.85
CA GLY A 213 -4.48 15.11 16.23
C GLY A 213 -4.63 13.92 15.31
N THR A 214 -5.64 13.10 15.55
CA THR A 214 -5.87 11.86 14.80
C THR A 214 -7.32 11.68 14.41
N GLU A 215 -7.58 10.76 13.48
CA GLU A 215 -8.94 10.42 13.12
C GLU A 215 -8.95 9.04 12.51
N ARG A 216 -10.14 8.46 12.42
CA ARG A 216 -10.30 7.16 11.75
C ARG A 216 -11.09 7.33 10.46
N LEU A 217 -10.56 6.76 9.39
CA LEU A 217 -11.13 6.96 8.05
C LEU A 217 -11.26 5.61 7.34
N SER A 218 -12.19 5.55 6.39
CA SER A 218 -12.49 4.31 5.69
C SER A 218 -12.15 4.50 4.21
N GLY A 219 -11.65 3.43 3.59
CA GLY A 219 -11.30 3.50 2.17
C GLY A 219 -10.12 2.61 1.86
N THR A 220 -10.00 2.22 0.58
CA THR A 220 -8.84 1.46 0.11
C THR A 220 -7.51 2.20 0.28
N SER A 221 -7.56 3.54 0.41
CA SER A 221 -6.37 4.36 0.69
C SER A 221 -5.73 3.96 2.00
N PHE A 222 -6.53 3.43 2.91
CA PHE A 222 -6.03 3.13 4.26
C PHE A 222 -5.73 1.67 4.47
N ALA A 223 -6.41 0.81 3.71
CA ALA A 223 -6.11 -0.60 3.69
C ALA A 223 -4.73 -0.84 3.08
N THR A 224 -4.42 -0.06 2.04
CA THR A 224 -3.17 -0.15 1.29
C THR A 224 -1.88 -0.09 2.14
N PRO A 225 -1.72 0.95 2.98
CA PRO A 225 -0.52 0.99 3.83
C PRO A 225 -0.47 -0.09 4.92
N ILE A 226 -1.61 -0.66 5.29
CA ILE A 226 -1.58 -1.80 6.20
C ILE A 226 -0.84 -2.96 5.53
N VAL A 227 -1.16 -3.20 4.26
CA VAL A 227 -0.51 -4.26 3.50
C VAL A 227 0.95 -3.92 3.25
N SER A 228 1.25 -2.67 2.92
CA SER A 228 2.64 -2.23 2.75
C SER A 228 3.43 -2.43 4.04
N GLY A 229 2.83 -2.08 5.18
CA GLY A 229 3.47 -2.31 6.48
C GLY A 229 3.75 -3.77 6.79
N VAL A 230 2.77 -4.63 6.53
CA VAL A 230 2.93 -6.07 6.76
C VAL A 230 4.02 -6.63 5.83
N ALA A 231 3.99 -6.19 4.57
CA ALA A 231 5.04 -6.57 3.63
C ALA A 231 6.42 -6.19 4.16
N ALA A 232 6.53 -5.00 4.76
CA ALA A 232 7.78 -4.51 5.34
C ALA A 232 8.22 -5.38 6.51
N LEU A 233 7.26 -5.81 7.33
CA LEU A 233 7.57 -6.74 8.42
C LEU A 233 8.08 -8.09 7.95
N LEU A 234 7.48 -8.61 6.88
CA LEU A 234 7.92 -9.88 6.30
C LEU A 234 9.36 -9.79 5.76
N LEU A 235 9.68 -8.68 5.07
CA LEU A 235 11.05 -8.44 4.58
C LEU A 235 12.02 -8.31 5.74
N SER A 236 11.57 -7.68 6.81
CA SER A 236 12.39 -7.50 8.01
C SER A 236 12.72 -8.85 8.65
N GLU A 237 11.76 -9.77 8.63
CA GLU A 237 11.98 -11.12 9.16
C GLU A 237 12.95 -11.92 8.29
N GLN A 238 12.93 -11.67 6.98
CA GLN A 238 13.93 -12.25 6.09
C GLN A 238 15.34 -11.82 6.47
N VAL A 239 15.50 -10.54 6.79
CA VAL A 239 16.79 -9.97 7.17
C VAL A 239 17.33 -10.65 8.42
N ARG A 240 16.48 -10.80 9.45
CA ARG A 240 16.98 -11.42 10.69
C ARG A 240 17.19 -12.94 10.56
N ARG A 241 16.61 -13.53 9.52
CA ARG A 241 16.82 -14.94 9.18
C ARG A 241 18.06 -15.17 8.32
N GLY A 242 18.72 -14.08 7.91
CA GLY A 242 19.92 -14.16 7.07
C GLY A 242 19.63 -14.42 5.61
N GLU A 243 18.42 -14.07 5.18
CA GLU A 243 18.02 -14.23 3.79
C GLU A 243 17.94 -12.86 3.17
N THR A 244 18.24 -12.75 1.87
CA THR A 244 18.17 -11.44 1.23
C THR A 244 16.71 -11.03 0.97
N PRO A 245 16.35 -9.78 1.34
CA PRO A 245 14.96 -9.31 1.19
C PRO A 245 14.44 -9.53 -0.23
N ASP A 246 13.24 -10.09 -0.34
CA ASP A 246 12.69 -10.50 -1.61
C ASP A 246 11.23 -9.99 -1.74
N PRO A 247 11.06 -8.71 -2.12
CA PRO A 247 9.70 -8.15 -2.13
C PRO A 247 8.70 -8.86 -3.05
N GLN A 248 9.14 -9.35 -4.21
CA GLN A 248 8.20 -10.05 -5.08
C GLN A 248 7.78 -11.42 -4.54
N LYS A 249 8.66 -12.08 -3.78
CA LYS A 249 8.30 -13.29 -3.05
C LYS A 249 7.28 -12.96 -1.96
N VAL A 250 7.52 -11.87 -1.23
CA VAL A 250 6.62 -11.45 -0.15
C VAL A 250 5.20 -11.23 -0.68
N ARG A 251 5.08 -10.60 -1.86
CA ARG A 251 3.80 -10.45 -2.53
C ARG A 251 3.14 -11.82 -2.75
N GLN A 252 3.91 -12.76 -3.29
CA GLN A 252 3.40 -14.09 -3.55
C GLN A 252 2.87 -14.75 -2.28
N LEU A 253 3.61 -14.59 -1.18
CA LEU A 253 3.25 -15.16 0.13
C LEU A 253 2.00 -14.53 0.71
N LEU A 254 1.84 -13.22 0.50
CA LEU A 254 0.63 -12.52 0.95
C LEU A 254 -0.58 -13.01 0.19
N LEU A 255 -0.41 -13.20 -1.13
CA LEU A 255 -1.48 -13.76 -1.97
C LEU A 255 -1.81 -15.21 -1.60
N GLN A 256 -0.78 -16.03 -1.44
CA GLN A 256 -0.94 -17.47 -1.15
C GLN A 256 -1.62 -17.74 0.20
N SER A 257 -1.30 -16.94 1.20
CA SER A 257 -1.83 -17.13 2.55
C SER A 257 -3.18 -16.45 2.79
N ALA A 258 -3.64 -15.64 1.82
CA ALA A 258 -4.91 -14.92 1.96
C ALA A 258 -6.06 -15.89 2.18
N LEU A 259 -6.97 -15.52 3.07
CA LEU A 259 -8.02 -16.44 3.51
C LEU A 259 -9.35 -16.23 2.79
N PRO A 260 -10.05 -17.33 2.46
CA PRO A 260 -11.35 -17.23 1.79
C PRO A 260 -12.36 -16.52 2.69
N CYS A 261 -13.33 -15.85 2.07
CA CYS A 261 -14.39 -15.20 2.83
C CYS A 261 -15.41 -16.25 3.26
N ASP A 262 -15.90 -16.11 4.50
CA ASP A 262 -16.66 -17.17 5.18
C ASP A 262 -17.85 -17.74 4.39
N ASP A 263 -18.77 -16.86 4.02
CA ASP A 263 -19.96 -17.28 3.29
C ASP A 263 -20.28 -16.34 2.13
N ASP A 264 -20.89 -16.89 1.08
CA ASP A 264 -21.24 -16.13 -0.12
C ASP A 264 -22.75 -15.89 -0.26
N ALA A 265 -23.51 -16.31 0.75
CA ALA A 265 -24.94 -16.02 0.86
C ALA A 265 -25.25 -14.57 1.29
N PRO A 266 -24.32 -13.90 2.02
CA PRO A 266 -24.48 -12.46 2.18
C PRO A 266 -23.80 -11.64 1.07
N GLU A 267 -22.46 -11.67 1.04
CA GLU A 267 -21.67 -10.93 0.03
C GLU A 267 -21.52 -11.71 -1.28
N GLN A 268 -20.37 -11.53 -1.94
CA GLN A 268 -20.04 -12.24 -3.17
C GLN A 268 -18.71 -12.97 -3.05
N ALA A 269 -18.52 -13.99 -3.88
CA ALA A 269 -17.25 -14.70 -3.97
C ALA A 269 -16.18 -13.81 -4.59
N ARG A 270 -16.58 -13.04 -5.60
CA ARG A 270 -15.68 -12.16 -6.34
C ARG A 270 -15.20 -10.97 -5.52
N ARG A 271 -16.03 -10.54 -4.57
CA ARG A 271 -15.70 -9.42 -3.69
C ARG A 271 -14.61 -9.78 -2.68
N CYS A 272 -14.30 -11.07 -2.56
CA CYS A 272 -13.23 -11.52 -1.69
C CYS A 272 -11.84 -11.34 -2.32
N LEU A 273 -11.80 -11.11 -3.64
CA LEU A 273 -10.54 -10.99 -4.40
C LEU A 273 -9.72 -12.29 -4.26
N ALA A 274 -8.40 -12.19 -4.15
CA ALA A 274 -7.59 -13.38 -3.83
C ALA A 274 -7.82 -13.88 -2.40
N GLY A 275 -8.46 -13.06 -1.56
CA GLY A 275 -8.74 -13.43 -0.17
C GLY A 275 -8.38 -12.35 0.83
N ARG A 276 -8.50 -12.67 2.10
CA ARG A 276 -8.29 -11.71 3.19
C ARG A 276 -6.86 -11.77 3.74
N LEU A 277 -6.26 -10.59 3.94
CA LEU A 277 -4.95 -10.48 4.58
C LEU A 277 -4.84 -11.40 5.79
N ASN A 278 -3.82 -12.25 5.79
CA ASN A 278 -3.61 -13.24 6.84
C ASN A 278 -2.15 -13.17 7.28
N VAL A 279 -1.90 -12.35 8.32
CA VAL A 279 -0.52 -12.04 8.72
C VAL A 279 0.17 -13.30 9.27
N SER A 280 -0.50 -14.02 10.16
CA SER A 280 0.07 -15.25 10.73
C SER A 280 0.38 -16.31 9.67
N GLY A 281 -0.56 -16.51 8.74
CA GLY A 281 -0.34 -17.41 7.61
C GLY A 281 0.83 -17.01 6.73
N ALA A 282 0.96 -15.71 6.46
CA ALA A 282 2.05 -15.19 5.64
C ALA A 282 3.41 -15.48 6.25
N PHE A 283 3.51 -15.30 7.57
CA PHE A 283 4.75 -15.62 8.30
C PHE A 283 5.06 -17.11 8.32
N THR A 284 4.00 -17.91 8.41
CA THR A 284 4.12 -19.38 8.37
C THR A 284 4.66 -19.81 7.00
N LEU A 285 4.13 -19.23 5.94
CA LEU A 285 4.62 -19.50 4.58
C LEU A 285 6.05 -19.01 4.34
N LEU A 286 6.40 -17.89 4.97
CA LEU A 286 7.75 -17.32 4.85
C LEU A 286 8.85 -18.26 5.38
N LYS A 287 8.53 -19.02 6.42
CA LYS A 287 9.42 -20.03 7.00
C LYS A 287 9.39 -21.33 6.21
N GLY A 288 8.64 -21.36 5.12
CA GLY A 288 8.41 -22.58 4.34
C GLY A 288 7.59 -23.60 5.11
N GLY A 289 6.61 -23.13 5.87
CA GLY A 289 5.76 -24.00 6.69
C GLY A 289 4.40 -24.29 6.08
N ASN A 290 3.58 -25.03 6.82
CA ASN A 290 2.21 -25.36 6.41
C ASN A 290 1.17 -24.66 7.30
#